data_8BTM
#
_entry.id   8BTM
#
_cell.length_a   73.250
_cell.length_b   95.859
_cell.length_c   86.444
_cell.angle_alpha   90.000
_cell.angle_beta   90.000
_cell.angle_gamma   90.000
#
_symmetry.space_group_name_H-M   'C 2 2 21'
#
loop_
_entity.id
_entity.type
_entity.pdbx_description
1 polymer GdmF
2 non-polymer 1,2-ETHANEDIOL
3 non-polymer 'ACETATE ION'
4 water water
#
_entity_poly.entity_id   1
_entity_poly.type   'polypeptide(L)'
_entity_poly.pdbx_seq_one_letter_code
;HHHHHHMFDVAKYLRRIGVEGTPPPTLDTLRHLHKRHLMAVPYDNSTAPDRLPASRHLTNVPLDLVFGHVVTEGHGGV
(CSO)YELNRLFHTLLAELGYDVRMVAAAVRQANGTFGPEREHTFDLVHLDGRTHLVDVGFPGPSYSEPLYLSEEEQHQY
G(CSO)SYRVTEHDGYRVVERRPKGSDWQPVYRFRPELADPSGWDAVRLLDSLDDYAQDSVLGTTFRSRATDNGKIVLIG
RRYFTVEDGVERTKVLVKADEFQDVVDLILAGA
;
_entity_poly.pdbx_strand_id   A
#
loop_
_chem_comp.id
_chem_comp.type
_chem_comp.name
_chem_comp.formula
ACT non-polymer 'ACETATE ION' 'C2 H3 O2 -1'
EDO non-polymer 1,2-ETHANEDIOL 'C2 H6 O2'
#
# COMPACT_ATOMS: atom_id res chain seq x y z
N HIS A 6 17.26 13.12 -3.99
CA HIS A 6 17.57 13.79 -5.26
C HIS A 6 16.27 14.04 -6.02
N MET A 7 16.36 14.57 -7.23
CA MET A 7 15.16 14.80 -8.03
C MET A 7 14.56 13.46 -8.45
N PHE A 8 13.24 13.45 -8.53
CA PHE A 8 12.52 12.24 -8.93
C PHE A 8 13.05 11.70 -10.25
N ASP A 9 13.35 10.40 -10.28
CA ASP A 9 13.93 9.74 -11.44
C ASP A 9 13.34 8.34 -11.58
N VAL A 10 12.70 8.10 -12.72
CA VAL A 10 12.03 6.83 -12.98
C VAL A 10 13.01 5.68 -12.98
N ALA A 11 14.16 5.85 -13.65
CA ALA A 11 15.12 4.75 -13.72
C ALA A 11 15.66 4.39 -12.34
N LYS A 12 15.99 5.40 -11.52
CA LYS A 12 16.46 5.11 -10.17
C LYS A 12 15.39 4.39 -9.36
N TYR A 13 14.13 4.80 -9.52
CA TYR A 13 13.04 4.18 -8.77
C TYR A 13 12.82 2.74 -9.21
N LEU A 14 12.84 2.49 -10.52
CA LEU A 14 12.68 1.13 -11.00
C LEU A 14 13.82 0.23 -10.55
N ARG A 15 15.04 0.77 -10.51
CA ARG A 15 16.15 -0.02 -9.96
C ARG A 15 15.92 -0.33 -8.50
N ARG A 16 15.46 0.66 -7.74
N ARG A 16 15.45 0.66 -7.71
CA ARG A 16 15.22 0.45 -6.31
CA ARG A 16 15.22 0.43 -6.30
C ARG A 16 14.23 -0.69 -6.07
C ARG A 16 14.23 -0.70 -6.07
N ILE A 17 13.22 -0.82 -6.93
CA ILE A 17 12.18 -1.83 -6.73
C ILE A 17 12.45 -3.10 -7.52
N GLY A 18 13.59 -3.16 -8.21
CA GLY A 18 13.96 -4.39 -8.87
C GLY A 18 13.25 -4.66 -10.17
N VAL A 19 12.88 -3.63 -10.91
CA VAL A 19 12.20 -3.78 -12.19
C VAL A 19 13.18 -3.40 -13.29
N GLU A 20 13.29 -4.26 -14.29
CA GLU A 20 14.26 -4.08 -15.35
C GLU A 20 13.67 -3.24 -16.49
N GLY A 21 14.47 -2.30 -16.97
CA GLY A 21 14.09 -1.57 -18.17
C GLY A 21 12.94 -0.62 -17.89
N THR A 22 12.22 -0.28 -18.95
CA THR A 22 11.04 0.56 -18.88
C THR A 22 9.86 -0.22 -19.45
N PRO A 23 9.25 -1.09 -18.67
CA PRO A 23 8.25 -2.00 -19.21
C PRO A 23 7.04 -1.26 -19.78
N PRO A 24 6.31 -1.90 -20.69
CA PRO A 24 5.26 -1.19 -21.43
C PRO A 24 4.05 -0.92 -20.57
N PRO A 25 3.22 0.02 -20.96
CA PRO A 25 2.13 0.52 -20.08
C PRO A 25 0.88 -0.35 -20.17
N THR A 26 1.01 -1.58 -19.68
CA THR A 26 0.01 -2.63 -19.77
C THR A 26 -0.43 -3.09 -18.38
N LEU A 27 -1.47 -3.92 -18.33
CA LEU A 27 -1.92 -4.42 -17.05
C LEU A 27 -0.90 -5.38 -16.46
N ASP A 28 -0.26 -6.21 -17.29
CA ASP A 28 0.78 -7.10 -16.77
CA ASP A 28 0.79 -7.09 -16.79
C ASP A 28 1.91 -6.32 -16.13
N THR A 29 2.34 -5.21 -16.76
CA THR A 29 3.36 -4.39 -16.13
C THR A 29 2.85 -3.80 -14.83
N LEU A 30 1.63 -3.27 -14.82
CA LEU A 30 1.11 -2.65 -13.60
C LEU A 30 1.09 -3.64 -12.43
N ARG A 31 0.70 -4.89 -12.70
CA ARG A 31 0.69 -5.92 -11.67
C ARG A 31 2.07 -6.17 -11.13
N HIS A 32 3.07 -6.27 -12.02
CA HIS A 32 4.45 -6.48 -11.61
C HIS A 32 5.00 -5.31 -10.82
N LEU A 33 4.79 -4.07 -11.31
CA LEU A 33 5.26 -2.91 -10.57
C LEU A 33 4.68 -2.87 -9.16
N HIS A 34 3.39 -3.16 -9.03
CA HIS A 34 2.71 -3.09 -7.73
C HIS A 34 3.30 -4.11 -6.76
N LYS A 35 3.44 -5.36 -7.20
CA LYS A 35 3.98 -6.39 -6.33
CA LYS A 35 3.98 -6.39 -6.33
C LYS A 35 5.43 -6.13 -5.98
N ARG A 36 6.24 -5.73 -6.96
CA ARG A 36 7.64 -5.45 -6.69
C ARG A 36 7.78 -4.29 -5.71
N HIS A 37 6.96 -3.26 -5.87
CA HIS A 37 7.06 -2.13 -4.95
C HIS A 37 6.80 -2.59 -3.51
N LEU A 38 5.73 -3.38 -3.30
CA LEU A 38 5.39 -3.83 -1.95
C LEU A 38 6.43 -4.77 -1.40
N MET A 39 7.14 -5.52 -2.25
CA MET A 39 8.20 -6.41 -1.76
C MET A 39 9.46 -5.63 -1.42
N ALA A 40 9.77 -4.56 -2.15
CA ALA A 40 11.04 -3.85 -2.02
C ALA A 40 10.99 -2.66 -1.09
N VAL A 41 9.84 -2.02 -0.94
CA VAL A 41 9.72 -0.77 -0.20
C VAL A 41 8.77 -1.00 0.96
N PRO A 42 9.30 -1.14 2.18
CA PRO A 42 8.43 -1.46 3.31
C PRO A 42 7.59 -0.28 3.75
N TYR A 43 6.41 -0.58 4.29
CA TYR A 43 5.72 0.40 5.11
C TYR A 43 6.48 0.57 6.42
N ASP A 44 6.72 1.83 6.82
CA ASP A 44 7.36 2.09 8.12
C ASP A 44 6.96 3.48 8.56
N ASN A 45 6.26 3.58 9.70
CA ASN A 45 5.90 4.88 10.25
C ASN A 45 6.86 5.38 11.33
N SER A 46 8.00 4.72 11.50
CA SER A 46 8.91 4.97 12.63
CA SER A 46 8.79 5.00 12.69
C SER A 46 9.35 6.42 12.70
N THR A 47 9.63 7.02 11.54
CA THR A 47 10.11 8.40 11.49
C THR A 47 9.16 9.32 10.73
N ALA A 48 7.95 8.86 10.43
CA ALA A 48 7.01 9.70 9.71
C ALA A 48 6.79 11.06 10.37
N PRO A 49 6.72 11.17 11.71
CA PRO A 49 6.56 12.51 12.30
C PRO A 49 7.67 13.47 11.95
N ASP A 50 8.89 12.96 11.75
CA ASP A 50 10.00 13.85 11.44
C ASP A 50 9.79 14.60 10.15
N ARG A 51 9.03 14.02 9.22
CA ARG A 51 8.86 14.58 7.89
C ARG A 51 7.58 15.40 7.74
N LEU A 52 6.87 15.66 8.83
CA LEU A 52 5.60 16.35 8.72
C LEU A 52 5.82 17.85 8.53
N PRO A 53 5.00 18.51 7.72
CA PRO A 53 5.12 19.96 7.51
C PRO A 53 4.39 20.75 8.57
N ALA A 54 5.04 21.83 9.03
CA ALA A 54 4.41 22.67 10.05
C ALA A 54 2.98 23.03 9.67
N SER A 55 2.74 23.23 8.38
CA SER A 55 1.50 23.73 7.81
C SER A 55 0.43 22.69 7.54
N ARG A 56 0.75 21.42 7.64
CA ARG A 56 -0.19 20.34 7.40
C ARG A 56 -0.80 20.33 5.99
N HIS A 57 -0.14 20.95 5.01
CA HIS A 57 -0.49 20.72 3.61
C HIS A 57 0.59 19.81 3.04
N LEU A 58 0.17 18.69 2.42
CA LEU A 58 1.15 17.76 1.87
C LEU A 58 2.02 18.41 0.81
N THR A 59 1.46 19.34 0.03
CA THR A 59 2.25 20.01 -0.99
C THR A 59 3.44 20.76 -0.42
N ASN A 60 3.47 21.01 0.90
CA ASN A 60 4.64 21.66 1.49
C ASN A 60 5.74 20.69 1.84
N VAL A 61 5.57 19.41 1.54
CA VAL A 61 6.65 18.46 1.72
C VAL A 61 7.15 18.21 0.31
N PRO A 62 8.38 18.62 0.00
CA PRO A 62 8.79 18.43 -1.40
C PRO A 62 8.85 16.96 -1.84
N LEU A 63 8.38 16.66 -3.02
CA LEU A 63 8.41 15.26 -3.47
C LEU A 63 9.82 14.72 -3.49
N ASP A 64 10.81 15.59 -3.76
CA ASP A 64 12.20 15.14 -3.77
C ASP A 64 12.68 14.74 -2.38
N LEU A 65 12.14 15.35 -1.32
CA LEU A 65 12.51 14.91 0.01
C LEU A 65 12.07 13.48 0.24
N VAL A 66 10.82 13.19 -0.13
CA VAL A 66 10.27 11.84 0.06
CA VAL A 66 10.30 11.84 0.08
C VAL A 66 10.99 10.85 -0.85
N PHE A 67 11.25 11.25 -2.09
CA PHE A 67 11.99 10.40 -3.03
C PHE A 67 13.38 10.09 -2.48
N GLY A 68 14.04 11.09 -1.89
CA GLY A 68 15.37 10.84 -1.31
C GLY A 68 15.34 9.88 -0.15
N HIS A 69 14.34 10.02 0.73
CA HIS A 69 14.23 9.12 1.88
C HIS A 69 13.95 7.70 1.43
N VAL A 70 12.97 7.52 0.55
CA VAL A 70 12.47 6.19 0.19
C VAL A 70 13.31 5.54 -0.90
N VAL A 71 13.59 6.26 -1.97
CA VAL A 71 14.24 5.67 -3.13
C VAL A 71 15.76 5.76 -2.97
N THR A 72 16.28 6.98 -2.82
CA THR A 72 17.73 7.14 -2.76
C THR A 72 18.32 6.45 -1.53
N GLU A 73 17.74 6.66 -0.35
CA GLU A 73 18.28 6.13 0.89
C GLU A 73 17.73 4.77 1.29
N GLY A 74 16.68 4.29 0.63
CA GLY A 74 16.25 2.92 0.85
C GLY A 74 15.39 2.67 2.06
N HIS A 75 14.75 3.70 2.59
CA HIS A 75 13.92 3.54 3.77
C HIS A 75 12.47 3.30 3.35
N GLY A 76 11.65 2.93 4.32
CA GLY A 76 10.22 2.81 4.11
C GLY A 76 9.52 4.12 4.38
N GLY A 77 8.20 4.06 4.29
CA GLY A 77 7.40 5.25 4.54
C GLY A 77 5.95 4.88 4.77
N VAL A 78 5.11 5.91 4.81
CA VAL A 78 3.68 5.74 5.10
C VAL A 78 2.83 5.98 3.85
N CSO A 79 1.50 5.91 3.97
N CSO A 79 1.51 5.89 3.99
N CSO A 79 1.51 5.94 3.98
CA CSO A 79 0.63 5.88 2.78
CA CSO A 79 0.64 5.85 2.80
CA CSO A 79 0.66 5.90 2.78
CB CSO A 79 -0.86 5.70 3.12
CB CSO A 79 -0.82 5.61 3.20
CB CSO A 79 -0.80 5.71 3.17
SG CSO A 79 -1.47 6.94 4.29
SG CSO A 79 -1.46 6.92 4.27
SG CSO A 79 -1.57 7.00 4.21
C CSO A 79 0.81 7.09 1.90
C CSO A 79 0.79 7.09 1.90
C CSO A 79 0.82 7.10 1.90
O CSO A 79 0.85 6.99 0.67
O CSO A 79 0.83 6.98 0.68
O CSO A 79 0.85 6.98 0.67
OD CSO A 79 -0.81 6.61 5.85
OD CSO A 79 -2.38 8.06 3.27
OD CSO A 79 -2.84 6.06 4.90
N TYR A 80 0.94 8.27 2.51
CA TYR A 80 0.98 9.52 1.75
C TYR A 80 2.40 9.86 1.28
N GLU A 81 3.31 8.94 1.52
CA GLU A 81 4.67 8.92 0.97
C GLU A 81 4.79 7.87 -0.13
N LEU A 82 4.52 6.61 0.20
CA LEU A 82 4.66 5.52 -0.77
C LEU A 82 3.67 5.65 -1.93
N ASN A 83 2.38 5.90 -1.65
CA ASN A 83 1.43 6.02 -2.75
C ASN A 83 1.59 7.33 -3.52
N ARG A 84 2.10 8.38 -2.87
CA ARG A 84 2.36 9.63 -3.58
C ARG A 84 3.49 9.44 -4.61
N LEU A 85 4.56 8.79 -4.18
CA LEU A 85 5.65 8.44 -5.10
C LEU A 85 5.16 7.51 -6.19
N PHE A 86 4.38 6.49 -5.82
CA PHE A 86 3.97 5.50 -6.83
C PHE A 86 3.04 6.14 -7.85
N HIS A 87 2.15 7.03 -7.43
CA HIS A 87 1.32 7.76 -8.37
C HIS A 87 2.18 8.45 -9.40
N THR A 88 3.24 9.14 -8.95
CA THR A 88 4.12 9.87 -9.87
C THR A 88 4.83 8.90 -10.80
N LEU A 89 5.31 7.79 -10.28
CA LEU A 89 5.96 6.78 -11.13
C LEU A 89 5.01 6.27 -12.20
N LEU A 90 3.80 5.91 -11.82
CA LEU A 90 2.84 5.39 -12.77
C LEU A 90 2.46 6.45 -13.81
N ALA A 91 2.31 7.70 -13.39
CA ALA A 91 2.00 8.74 -14.36
C ALA A 91 3.15 8.91 -15.36
N GLU A 92 4.40 8.87 -14.88
CA GLU A 92 5.54 9.03 -15.78
C GLU A 92 5.66 7.84 -16.71
N LEU A 93 5.17 6.67 -16.31
CA LEU A 93 5.15 5.47 -17.15
C LEU A 93 3.93 5.38 -18.07
N GLY A 94 3.05 6.38 -18.05
CA GLY A 94 2.01 6.50 -19.02
C GLY A 94 0.61 6.11 -18.56
N TYR A 95 0.42 5.77 -17.28
CA TYR A 95 -0.88 5.34 -16.81
C TYR A 95 -1.76 6.53 -16.41
N ASP A 96 -3.07 6.34 -16.54
CA ASP A 96 -4.09 7.31 -16.12
C ASP A 96 -4.40 7.01 -14.66
N VAL A 97 -3.71 7.71 -13.77
CA VAL A 97 -3.78 7.45 -12.34
CA VAL A 97 -3.77 7.47 -12.33
C VAL A 97 -4.56 8.57 -11.67
N ARG A 98 -5.43 8.18 -10.74
CA ARG A 98 -6.33 9.08 -10.03
C ARG A 98 -6.18 8.83 -8.53
N MET A 99 -5.94 9.89 -7.76
CA MET A 99 -5.78 9.76 -6.32
C MET A 99 -7.13 9.67 -5.63
N VAL A 100 -7.21 8.77 -4.65
CA VAL A 100 -8.40 8.56 -3.84
C VAL A 100 -8.00 8.44 -2.38
N ALA A 101 -8.95 8.69 -1.50
CA ALA A 101 -8.75 8.57 -0.07
C ALA A 101 -9.83 7.73 0.56
N ALA A 102 -9.46 7.00 1.62
CA ALA A 102 -10.33 6.02 2.24
C ALA A 102 -10.34 6.13 3.76
N ALA A 103 -11.42 5.63 4.34
CA ALA A 103 -11.54 5.44 5.77
C ALA A 103 -11.22 3.98 6.09
N VAL A 104 -10.39 3.77 7.10
CA VAL A 104 -9.86 2.46 7.42
C VAL A 104 -10.72 1.77 8.47
N ARG A 105 -11.02 0.49 8.23
N ARG A 105 -11.03 0.49 8.23
CA ARG A 105 -11.72 -0.33 9.22
CA ARG A 105 -11.73 -0.33 9.22
C ARG A 105 -10.84 -0.47 10.46
C ARG A 105 -10.85 -0.47 10.46
N GLN A 106 -11.40 -0.12 11.61
CA GLN A 106 -10.71 -0.20 12.88
C GLN A 106 -11.01 -1.53 13.56
N ALA A 107 -10.21 -1.86 14.56
CA ALA A 107 -10.39 -3.13 15.27
C ALA A 107 -11.77 -3.24 15.88
N ASN A 108 -12.33 -2.12 16.35
CA ASN A 108 -13.68 -2.14 16.91
C ASN A 108 -14.77 -2.27 15.86
N GLY A 109 -14.41 -2.36 14.58
CA GLY A 109 -15.38 -2.54 13.53
C GLY A 109 -15.90 -1.28 12.91
N THR A 110 -15.64 -0.12 13.51
CA THR A 110 -16.04 1.12 12.86
C THR A 110 -15.00 1.50 11.82
N PHE A 111 -15.30 2.53 11.05
CA PHE A 111 -14.36 3.12 10.12
C PHE A 111 -13.84 4.44 10.71
N GLY A 112 -12.57 4.72 10.48
CA GLY A 112 -11.95 5.91 11.02
C GLY A 112 -12.22 7.14 10.18
N PRO A 113 -11.39 8.18 10.34
CA PRO A 113 -11.62 9.41 9.57
C PRO A 113 -11.68 9.18 8.06
N GLU A 114 -12.52 9.96 7.40
CA GLU A 114 -12.94 9.70 6.03
C GLU A 114 -11.81 9.64 5.00
N ARG A 115 -10.79 10.47 5.14
CA ARG A 115 -9.74 10.58 4.13
C ARG A 115 -8.39 10.25 4.73
N GLU A 116 -8.37 9.39 5.74
CA GLU A 116 -7.13 9.08 6.44
C GLU A 116 -6.14 8.37 5.52
N HIS A 117 -6.62 7.46 4.66
CA HIS A 117 -5.75 6.58 3.90
C HIS A 117 -5.75 6.95 2.43
N THR A 118 -4.60 7.35 1.93
CA THR A 118 -4.46 7.86 0.58
C THR A 118 -3.87 6.77 -0.32
N PHE A 119 -4.52 6.54 -1.47
CA PHE A 119 -4.11 5.52 -2.45
C PHE A 119 -4.55 5.99 -3.83
N ASP A 120 -4.52 5.10 -4.84
CA ASP A 120 -4.80 5.50 -6.21
C ASP A 120 -5.65 4.47 -6.94
N LEU A 121 -6.25 4.92 -8.03
CA LEU A 121 -6.93 4.07 -9.02
C LEU A 121 -6.22 4.30 -10.34
N VAL A 122 -6.18 3.27 -11.19
CA VAL A 122 -5.70 3.38 -12.55
C VAL A 122 -6.81 2.94 -13.48
N HIS A 123 -7.14 3.77 -14.45
CA HIS A 123 -8.08 3.36 -15.49
C HIS A 123 -7.29 2.98 -16.73
N LEU A 124 -7.46 1.75 -17.19
CA LEU A 124 -6.62 1.18 -18.24
C LEU A 124 -7.47 0.28 -19.10
N ASP A 125 -7.54 0.60 -20.40
CA ASP A 125 -8.17 -0.32 -21.36
C ASP A 125 -9.62 -0.58 -20.95
N GLY A 126 -10.31 0.46 -20.51
CA GLY A 126 -11.71 0.34 -20.16
C GLY A 126 -12.03 -0.27 -18.82
N ARG A 127 -11.04 -0.48 -17.96
CA ARG A 127 -11.28 -1.07 -16.65
C ARG A 127 -10.51 -0.27 -15.59
N THR A 128 -11.06 -0.21 -14.39
CA THR A 128 -10.40 0.50 -13.29
C THR A 128 -9.85 -0.48 -12.28
N HIS A 129 -8.62 -0.21 -11.87
CA HIS A 129 -7.88 -1.02 -10.92
C HIS A 129 -7.50 -0.16 -9.71
N LEU A 130 -7.59 -0.75 -8.52
CA LEU A 130 -7.15 -0.11 -7.30
C LEU A 130 -5.67 -0.42 -7.14
N VAL A 131 -4.89 0.59 -6.75
N VAL A 131 -4.86 0.59 -6.85
CA VAL A 131 -3.44 0.52 -6.60
CA VAL A 131 -3.44 0.38 -6.58
C VAL A 131 -3.10 1.04 -5.20
C VAL A 131 -3.10 0.99 -5.23
N ASP A 132 -2.41 0.21 -4.41
CA ASP A 132 -2.13 0.61 -3.04
C ASP A 132 -0.84 -0.08 -2.61
N VAL A 133 0.26 0.68 -2.63
CA VAL A 133 1.56 0.17 -2.17
C VAL A 133 1.93 0.75 -0.80
N GLY A 134 0.95 1.33 -0.12
CA GLY A 134 1.18 2.06 1.12
C GLY A 134 0.18 1.78 2.21
N PHE A 135 -0.10 0.52 2.51
CA PHE A 135 -1.07 0.15 3.54
C PHE A 135 -0.35 -0.83 4.46
N PRO A 136 -0.36 -0.56 5.75
CA PRO A 136 0.41 -1.41 6.64
C PRO A 136 -0.05 -2.85 6.84
N GLY A 137 -1.33 -3.04 6.97
CA GLY A 137 -1.90 -4.32 7.27
C GLY A 137 -2.08 -5.26 6.11
N PRO A 138 -2.61 -6.45 6.39
CA PRO A 138 -2.85 -7.45 5.35
C PRO A 138 -3.74 -6.90 4.26
N SER A 139 -3.29 -6.86 3.00
CA SER A 139 -4.08 -6.36 1.89
C SER A 139 -3.48 -6.88 0.58
N TYR A 140 -3.98 -6.37 -0.53
CA TYR A 140 -3.70 -6.96 -1.84
C TYR A 140 -2.31 -6.62 -2.36
N SER A 141 -1.59 -7.63 -2.82
N SER A 141 -1.62 -7.65 -2.85
CA SER A 141 -0.26 -7.39 -3.36
CA SER A 141 -0.27 -7.46 -3.38
C SER A 141 -0.25 -7.08 -4.86
C SER A 141 -0.26 -7.08 -4.84
N GLU A 142 -1.36 -7.33 -5.55
CA GLU A 142 -1.49 -6.95 -6.95
C GLU A 142 -2.78 -6.16 -7.07
N PRO A 143 -2.89 -5.28 -8.06
CA PRO A 143 -4.08 -4.42 -8.15
C PRO A 143 -5.39 -5.18 -8.16
N LEU A 144 -6.42 -4.57 -7.59
CA LEU A 144 -7.76 -5.14 -7.63
C LEU A 144 -8.57 -4.46 -8.72
N TYR A 145 -9.46 -5.22 -9.34
CA TYR A 145 -10.46 -4.60 -10.21
C TYR A 145 -11.53 -3.94 -9.34
N LEU A 146 -12.01 -2.79 -9.77
CA LEU A 146 -13.07 -2.07 -9.05
C LEU A 146 -14.38 -2.78 -9.36
N SER A 147 -14.65 -3.85 -8.62
CA SER A 147 -15.77 -4.75 -8.91
C SER A 147 -16.11 -5.57 -7.68
N GLU A 148 -17.40 -5.86 -7.53
CA GLU A 148 -17.84 -6.73 -6.44
C GLU A 148 -17.52 -8.19 -6.72
N GLU A 149 -17.13 -8.52 -7.95
CA GLU A 149 -16.80 -9.90 -8.29
C GLU A 149 -15.59 -10.35 -7.50
N GLU A 150 -15.63 -11.59 -7.03
CA GLU A 150 -14.52 -12.12 -6.25
C GLU A 150 -13.28 -12.26 -7.12
N GLN A 151 -12.16 -11.88 -6.52
CA GLN A 151 -10.84 -11.87 -7.11
C GLN A 151 -9.93 -12.62 -6.18
N HIS A 152 -9.01 -13.38 -6.72
CA HIS A 152 -8.20 -14.29 -5.94
C HIS A 152 -6.73 -14.06 -6.27
N GLN A 153 -5.93 -13.89 -5.22
CA GLN A 153 -4.50 -13.70 -5.38
C GLN A 153 -3.81 -14.36 -4.21
N TYR A 154 -2.82 -15.18 -4.52
CA TYR A 154 -1.92 -15.80 -3.52
C TYR A 154 -2.67 -16.37 -2.34
N GLY A 155 -3.77 -17.04 -2.62
CA GLY A 155 -4.52 -17.74 -1.59
C GLY A 155 -5.54 -16.94 -0.83
N CSO A 156 -5.60 -15.64 -1.11
N CSO A 156 -5.59 -15.63 -1.09
N CSO A 156 -5.60 -15.64 -1.10
CA CSO A 156 -6.61 -14.81 -0.49
CA CSO A 156 -6.62 -14.77 -0.49
CA CSO A 156 -6.57 -14.74 -0.49
CB CSO A 156 -6.01 -13.53 0.05
CB CSO A 156 -6.04 -13.48 0.08
CB CSO A 156 -5.88 -13.45 -0.01
SG CSO A 156 -5.08 -13.71 1.58
SG CSO A 156 -4.92 -13.85 1.44
SG CSO A 156 -4.51 -13.77 1.15
C CSO A 156 -7.67 -14.41 -1.51
C CSO A 156 -7.66 -14.40 -1.50
C CSO A 156 -7.66 -14.39 -1.50
O CSO A 156 -7.42 -14.45 -2.72
O CSO A 156 -7.42 -14.45 -2.72
O CSO A 156 -7.42 -14.45 -2.72
OD CSO A 156 -4.21 -12.18 1.77
OD CSO A 156 -3.36 -14.21 0.75
OD CSO A 156 -5.27 -14.61 2.52
N SER A 157 -8.85 -14.08 -1.01
CA SER A 157 -9.92 -13.55 -1.84
C SER A 157 -10.16 -12.07 -1.51
N TYR A 158 -10.57 -11.32 -2.52
CA TYR A 158 -10.88 -9.89 -2.40
C TYR A 158 -12.15 -9.60 -3.17
N ARG A 159 -12.86 -8.56 -2.75
CA ARG A 159 -13.99 -8.04 -3.51
C ARG A 159 -14.13 -6.58 -3.11
N VAL A 160 -14.74 -5.80 -3.99
CA VAL A 160 -14.95 -4.38 -3.71
C VAL A 160 -16.46 -4.16 -3.83
N THR A 161 -17.15 -4.20 -2.70
CA THR A 161 -18.61 -4.12 -2.65
C THR A 161 -19.04 -2.66 -2.55
N GLU A 162 -20.34 -2.43 -2.71
CA GLU A 162 -20.91 -1.10 -2.60
C GLU A 162 -21.86 -1.07 -1.42
N HIS A 163 -21.65 -0.10 -0.51
CA HIS A 163 -22.48 0.06 0.67
C HIS A 163 -22.60 1.54 1.01
N ASP A 164 -23.83 2.05 0.97
CA ASP A 164 -24.15 3.38 1.50
C ASP A 164 -23.29 4.47 0.88
N GLY A 165 -23.11 4.39 -0.42
CA GLY A 165 -22.37 5.38 -1.15
C GLY A 165 -20.87 5.18 -1.15
N TYR A 166 -20.38 4.11 -0.55
CA TYR A 166 -18.97 3.79 -0.57
C TYR A 166 -18.72 2.49 -1.31
N ARG A 167 -17.49 2.38 -1.82
N ARG A 167 -17.49 2.38 -1.82
CA ARG A 167 -16.91 1.11 -2.24
CA ARG A 167 -16.94 1.10 -2.24
C ARG A 167 -16.05 0.61 -1.09
C ARG A 167 -16.06 0.61 -1.10
N VAL A 168 -16.26 -0.65 -0.71
CA VAL A 168 -15.58 -1.25 0.43
C VAL A 168 -14.68 -2.37 -0.08
N VAL A 169 -13.37 -2.25 0.16
CA VAL A 169 -12.44 -3.32 -0.12
C VAL A 169 -12.58 -4.34 1.00
N GLU A 170 -12.88 -5.59 0.64
CA GLU A 170 -13.00 -6.68 1.60
C GLU A 170 -12.00 -7.77 1.24
N ARG A 171 -11.52 -8.48 2.25
CA ARG A 171 -10.52 -9.53 2.12
C ARG A 171 -10.97 -10.75 2.90
N ARG A 172 -10.68 -11.93 2.37
CA ARG A 172 -10.98 -13.19 3.02
CA ARG A 172 -10.97 -13.18 3.04
C ARG A 172 -9.79 -14.14 2.86
N PRO A 173 -9.02 -14.38 3.91
CA PRO A 173 -7.95 -15.37 3.84
C PRO A 173 -8.53 -16.77 4.06
N LYS A 174 -7.67 -17.77 3.95
CA LYS A 174 -8.14 -19.13 4.21
C LYS A 174 -8.66 -19.30 5.62
N GLY A 175 -9.80 -19.98 5.74
CA GLY A 175 -10.37 -20.35 7.03
C GLY A 175 -11.00 -19.25 7.83
N SER A 176 -11.19 -18.07 7.26
N SER A 176 -11.25 -18.09 7.23
CA SER A 176 -11.78 -16.94 7.98
CA SER A 176 -11.77 -16.94 7.95
C SER A 176 -12.89 -16.34 7.14
C SER A 176 -12.89 -16.33 7.13
N ASP A 177 -13.67 -15.45 7.75
CA ASP A 177 -14.74 -14.78 7.03
C ASP A 177 -14.24 -13.48 6.34
N TRP A 178 -15.08 -12.96 5.47
CA TRP A 178 -14.84 -11.67 4.84
C TRP A 178 -14.72 -10.57 5.90
N GLN A 179 -13.72 -9.70 5.71
CA GLN A 179 -13.55 -8.54 6.57
C GLN A 179 -13.22 -7.30 5.74
N PRO A 180 -13.84 -6.16 6.04
CA PRO A 180 -13.47 -4.95 5.31
C PRO A 180 -12.09 -4.48 5.70
N VAL A 181 -11.42 -3.90 4.72
CA VAL A 181 -10.11 -3.29 4.90
C VAL A 181 -10.24 -1.79 4.99
N TYR A 182 -10.87 -1.18 4.00
CA TYR A 182 -11.16 0.24 4.00
C TYR A 182 -12.26 0.55 2.99
N ARG A 183 -12.82 1.75 3.09
CA ARG A 183 -13.90 2.19 2.20
C ARG A 183 -13.62 3.58 1.65
N PHE A 184 -14.10 3.82 0.43
CA PHE A 184 -13.84 5.09 -0.25
C PHE A 184 -14.99 5.43 -1.19
N ARG A 185 -15.05 6.71 -1.57
CA ARG A 185 -16.02 7.17 -2.55
C ARG A 185 -15.33 7.29 -3.90
N PRO A 186 -15.62 6.40 -4.85
CA PRO A 186 -14.90 6.43 -6.12
C PRO A 186 -15.06 7.72 -6.90
N GLU A 187 -16.21 8.38 -6.78
CA GLU A 187 -16.45 9.58 -7.55
C GLU A 187 -15.62 10.75 -7.08
N LEU A 188 -14.92 10.66 -5.96
CA LEU A 188 -14.03 11.72 -5.50
C LEU A 188 -12.60 11.52 -5.98
N ALA A 189 -12.34 10.49 -6.77
CA ALA A 189 -11.02 10.31 -7.38
C ALA A 189 -10.65 11.55 -8.19
N ASP A 190 -9.35 11.86 -8.22
CA ASP A 190 -8.90 13.11 -8.86
C ASP A 190 -7.48 12.93 -9.37
N PRO A 191 -7.25 13.14 -10.67
CA PRO A 191 -5.87 13.05 -11.18
C PRO A 191 -4.89 13.90 -10.39
N SER A 192 -5.31 15.05 -9.85
CA SER A 192 -4.46 15.97 -9.12
C SER A 192 -4.74 15.94 -7.62
N GLY A 193 -5.34 14.88 -7.11
CA GLY A 193 -5.76 14.87 -5.71
C GLY A 193 -4.64 14.95 -4.69
N TRP A 194 -3.45 14.48 -5.04
CA TRP A 194 -2.34 14.57 -4.10
C TRP A 194 -2.10 16.02 -3.68
N ASP A 195 -2.39 16.97 -4.58
CA ASP A 195 -2.12 18.37 -4.28
C ASP A 195 -3.00 18.88 -3.14
N ALA A 196 -4.12 18.21 -2.88
CA ALA A 196 -5.13 18.71 -1.95
C ALA A 196 -5.06 18.02 -0.58
N VAL A 197 -4.14 17.09 -0.38
CA VAL A 197 -4.10 16.33 0.85
C VAL A 197 -3.67 17.22 2.01
N ARG A 198 -4.40 17.11 3.11
CA ARG A 198 -4.10 17.80 4.35
C ARG A 198 -3.66 16.76 5.38
N LEU A 199 -2.64 17.09 6.16
CA LEU A 199 -2.09 16.15 7.13
C LEU A 199 -2.58 16.50 8.53
N GLY A 213 1.41 6.16 19.30
CA GLY A 213 2.83 5.83 19.36
C GLY A 213 3.23 4.53 18.69
N THR A 214 2.27 3.67 18.37
CA THR A 214 2.58 2.33 17.88
C THR A 214 3.25 2.36 16.51
N THR A 215 4.28 1.55 16.37
CA THR A 215 5.01 1.45 15.12
C THR A 215 4.36 0.37 14.26
N PHE A 216 4.22 0.68 12.97
N PHE A 216 4.17 0.71 12.98
CA PHE A 216 3.71 -0.23 11.95
CA PHE A 216 3.69 -0.20 11.93
C PHE A 216 4.80 -0.41 10.90
C PHE A 216 4.81 -0.41 10.90
N ARG A 217 5.16 -1.66 10.63
CA ARG A 217 6.13 -1.99 9.60
C ARG A 217 5.66 -3.24 8.88
N SER A 218 5.79 -3.25 7.55
CA SER A 218 5.39 -4.44 6.78
C SER A 218 5.98 -4.44 5.40
N ARG A 219 5.94 -5.61 4.78
CA ARG A 219 6.23 -5.70 3.35
C ARG A 219 5.63 -6.98 2.79
N ALA A 220 5.50 -7.01 1.46
CA ALA A 220 5.11 -8.23 0.81
C ALA A 220 6.28 -9.19 0.69
N THR A 221 5.94 -10.46 0.54
CA THR A 221 6.80 -11.58 0.24
C THR A 221 6.36 -12.14 -1.11
N ASP A 222 7.06 -13.18 -1.58
CA ASP A 222 6.69 -13.77 -2.87
C ASP A 222 5.26 -14.26 -2.88
N ASN A 223 4.78 -14.81 -1.75
CA ASN A 223 3.45 -15.43 -1.74
C ASN A 223 2.58 -14.90 -0.61
N GLY A 224 2.87 -13.72 -0.09
CA GLY A 224 2.08 -13.16 1.00
C GLY A 224 2.63 -11.87 1.51
N LYS A 225 2.55 -11.72 2.83
CA LYS A 225 2.91 -10.45 3.46
C LYS A 225 3.31 -10.72 4.89
N ILE A 226 4.24 -9.91 5.37
CA ILE A 226 4.64 -9.95 6.77
C ILE A 226 4.42 -8.57 7.37
N VAL A 227 3.84 -8.54 8.59
CA VAL A 227 3.35 -7.31 9.21
C VAL A 227 3.71 -7.31 10.69
N LEU A 228 4.33 -6.23 11.17
CA LEU A 228 4.63 -6.07 12.61
C LEU A 228 3.96 -4.78 13.10
N ILE A 229 3.04 -4.93 14.04
N ILE A 229 3.04 -4.92 14.05
CA ILE A 229 2.33 -3.82 14.65
CA ILE A 229 2.32 -3.80 14.64
C ILE A 229 2.66 -3.92 16.14
C ILE A 229 2.63 -3.89 16.13
N GLY A 230 3.49 -3.00 16.63
CA GLY A 230 3.98 -3.14 18.01
C GLY A 230 4.70 -4.47 18.13
N ARG A 231 4.28 -5.33 19.06
CA ARG A 231 4.83 -6.66 19.19
C ARG A 231 4.09 -7.69 18.37
N ARG A 232 2.98 -7.31 17.72
CA ARG A 232 2.10 -8.27 17.04
C ARG A 232 2.64 -8.58 15.64
N TYR A 233 3.14 -9.79 15.45
CA TYR A 233 3.72 -10.23 14.18
C TYR A 233 2.72 -11.11 13.45
N PHE A 234 2.36 -10.70 12.26
CA PHE A 234 1.43 -11.42 11.39
C PHE A 234 2.16 -11.84 10.12
N THR A 235 1.94 -13.07 9.69
CA THR A 235 2.38 -13.53 8.38
C THR A 235 1.21 -14.21 7.68
N VAL A 236 1.16 -14.01 6.37
CA VAL A 236 0.27 -14.80 5.51
C VAL A 236 1.11 -15.35 4.37
N GLU A 237 0.97 -16.66 4.10
CA GLU A 237 1.72 -17.36 3.05
C GLU A 237 0.71 -18.21 2.30
N ASP A 238 0.51 -17.89 1.02
N ASP A 238 0.51 -17.92 1.02
CA ASP A 238 -0.48 -18.60 0.21
CA ASP A 238 -0.50 -18.63 0.22
C ASP A 238 -1.83 -18.66 0.93
C ASP A 238 -1.86 -18.66 0.93
N GLY A 239 -2.19 -17.57 1.60
CA GLY A 239 -3.49 -17.45 2.22
C GLY A 239 -3.60 -17.99 3.62
N VAL A 240 -2.56 -18.62 4.13
CA VAL A 240 -2.56 -19.23 5.45
C VAL A 240 -1.92 -18.26 6.42
N GLU A 241 -2.70 -17.82 7.39
CA GLU A 241 -2.26 -16.82 8.36
C GLU A 241 -1.71 -17.44 9.65
N ARG A 242 -0.69 -16.81 10.20
CA ARG A 242 -0.09 -17.16 11.46
C ARG A 242 0.20 -15.85 12.18
N THR A 243 0.00 -15.81 13.47
CA THR A 243 0.34 -14.63 14.22
C THR A 243 1.07 -15.01 15.50
N LYS A 244 1.90 -14.10 15.98
CA LYS A 244 2.61 -14.31 17.19
C LYS A 244 2.93 -12.94 17.83
N VAL A 245 2.64 -12.80 19.11
CA VAL A 245 3.06 -11.64 19.91
C VAL A 245 4.48 -11.89 20.37
N LEU A 246 5.39 -11.07 19.85
CA LEU A 246 6.81 -11.28 20.07
C LEU A 246 7.19 -10.82 21.46
N VAL A 247 7.96 -11.66 22.14
CA VAL A 247 8.44 -11.37 23.49
C VAL A 247 9.91 -10.96 23.47
N LYS A 248 10.77 -11.81 22.94
CA LYS A 248 12.21 -11.62 23.04
C LYS A 248 12.72 -10.47 22.20
N ALA A 249 13.65 -9.69 22.76
CA ALA A 249 14.20 -8.54 22.06
C ALA A 249 14.97 -8.93 20.81
N ASP A 250 15.71 -10.05 20.85
CA ASP A 250 16.48 -10.45 19.67
C ASP A 250 15.56 -10.90 18.54
N GLU A 251 14.52 -11.67 18.85
CA GLU A 251 13.57 -12.08 17.82
C GLU A 251 12.86 -10.87 17.25
N PHE A 252 12.44 -9.95 18.09
CA PHE A 252 11.82 -8.70 17.63
C PHE A 252 12.71 -7.98 16.65
N GLN A 253 13.98 -7.80 16.99
CA GLN A 253 14.89 -7.12 16.08
C GLN A 253 15.10 -7.91 14.80
N ASP A 254 15.16 -9.24 14.87
CA ASP A 254 15.31 -10.03 13.65
C ASP A 254 14.12 -9.82 12.72
N VAL A 255 12.91 -9.71 13.28
CA VAL A 255 11.73 -9.48 12.45
C VAL A 255 11.76 -8.09 11.83
N VAL A 256 12.10 -7.07 12.60
CA VAL A 256 12.25 -5.73 12.04
C VAL A 256 13.25 -5.76 10.89
N ASP A 257 14.41 -6.39 11.11
CA ASP A 257 15.44 -6.43 10.08
C ASP A 257 14.92 -7.13 8.81
N LEU A 258 14.18 -8.23 8.98
CA LEU A 258 13.65 -8.96 7.84
C LEU A 258 12.67 -8.11 7.04
N ILE A 259 11.79 -7.40 7.73
CA ILE A 259 10.86 -6.51 7.03
C ILE A 259 11.61 -5.43 6.29
N LEU A 260 12.51 -4.73 6.97
CA LEU A 260 13.12 -3.55 6.39
C LEU A 260 14.15 -3.89 5.32
N ALA A 261 14.61 -5.13 5.26
CA ALA A 261 15.61 -5.52 4.26
C ALA A 261 14.99 -5.61 2.88
N GLY A 262 13.67 -5.70 2.78
CA GLY A 262 13.03 -5.83 1.48
C GLY A 262 13.25 -7.21 0.88
N ALA A 263 12.59 -7.41 -0.26
CA ALA A 263 12.71 -8.62 -1.06
C ALA A 263 12.49 -8.28 -2.54
C1 EDO B . -10.71 12.30 -1.40
O1 EDO B . -10.88 11.14 -2.22
C2 EDO B . -9.27 12.82 -1.46
O2 EDO B . -9.01 13.64 -0.33
H11 EDO B . -11.39 13.09 -1.73
H12 EDO B . -10.96 12.06 -0.37
HO1 EDO B . -11.82 10.87 -2.20
H21 EDO B . -9.11 13.38 -2.38
H22 EDO B . -8.57 11.97 -1.48
HO2 EDO B . -8.09 13.96 -0.36
C1 EDO C . -3.49 3.46 7.30
O1 EDO C . -4.05 4.77 7.41
C2 EDO C . -3.28 2.87 8.69
O2 EDO C . -4.07 1.68 8.83
H11 EDO C . -4.15 2.81 6.72
H12 EDO C . -2.53 3.52 6.78
HO1 EDO C . -4.19 5.13 6.52
H21 EDO C . -2.23 2.64 8.84
H22 EDO C . -3.57 3.60 9.44
HO2 EDO C . -3.95 1.31 9.71
C1 EDO D . 11.16 -13.76 1.66
O1 EDO D . 11.23 -13.05 2.89
C2 EDO D . 10.47 -12.99 0.53
O2 EDO D . 9.97 -13.76 -0.56
H11 EDO D . 10.62 -14.70 1.81
H12 EDO D . 12.18 -14.01 1.34
HO1 EDO D . 11.69 -13.59 3.55
H21 EDO D . 9.60 -12.61 0.92
H22 EDO D . 11.10 -12.17 0.17
HO2 EDO D . 9.54 -13.18 -1.19
C ACT E . 4.61 -16.16 12.62
O ACT E . 5.02 -16.69 13.68
OXT ACT E . 4.81 -16.68 11.50
CH3 ACT E . 3.85 -14.88 12.70
H1 ACT E . 2.82 -15.08 12.80
H2 ACT E . 4.01 -14.31 11.82
H3 ACT E . 4.18 -14.31 13.54
#